data_1TRH
#
_entry.id   1TRH
#
_cell.length_a   105.000
_cell.length_b   106.700
_cell.length_c   59.800
_cell.angle_alpha   90.00
_cell.angle_beta   94.80
_cell.angle_gamma   90.00
#
_symmetry.space_group_name_H-M   'C 1 2 1'
#
loop_
_entity.id
_entity.type
_entity.pdbx_description
1 polymer LIPASE
2 non-polymer 2-acetamido-2-deoxy-beta-D-glucopyranose
3 water water
#
_entity_poly.entity_id   1
_entity_poly.type   'polypeptide(L)'
_entity_poly.pdbx_seq_one_letter_code
;APTATLANGDTITGLNAIINEAFLGIPFAEPPVGNLRFKDPVPYSGSLDGQKFTSYGPSCMQQNPEGTYEENLPKAALDL
VMQSKVFEAVSPSSEDCLTINVVRPPGTKAGANLPVMLWIFGGGFEVGGTSTFPPAQMITKSIAMGKPIIHVSVNYRVSS
WGFLAGDEIKAEGSANAGLKDQRLGMQWVADNIAAFGGDPTKVTIFGESAGSMSVMCHILWNDGDNTYKGKPLFRAGIMQ
SGAMVPSDAVDGIYGNEIFDLLASNAGCGSASDKLACLRGVSSDTLEDATNNTPGFLAYSSLRLSYLPRPDGVNITDDMY
ALVREGKYANIPVIIGDQNDEGTFFGTSSLNVTTDAQAREYFKQSFVHASDAEIDTLMTAYPGDITQGSPFDTGILNALT
PQFKRISAVLGDLGFTLARRYFLNHYTGGTKYSFLSKQLSGLPVLGTFHSNDIVFQDYLLGSGSLIYNNAFIAFATDLDP
NTAGLLVKWPEYTSSSQSGNNLMMINALGLYTGKDNFRTAGYDALFSNPPSFFV
;
_entity_poly.pdbx_strand_id   A
#
loop_
_chem_comp.id
_chem_comp.type
_chem_comp.name
_chem_comp.formula
NAG D-saccharide, beta linking 2-acetamido-2-deoxy-beta-D-glucopyranose 'C8 H15 N O6'
#
# COMPACT_ATOMS: atom_id res chain seq x y z
N ALA A 1 31.64 9.97 10.01
CA ALA A 1 30.22 9.80 10.12
C ALA A 1 29.64 10.89 9.22
N PRO A 2 28.70 10.60 8.30
CA PRO A 2 28.01 11.60 7.50
C PRO A 2 27.20 12.62 8.29
N THR A 3 27.08 13.85 7.75
CA THR A 3 26.33 14.92 8.36
C THR A 3 25.44 15.60 7.34
N ALA A 4 24.45 16.36 7.76
CA ALA A 4 23.61 17.09 6.84
C ALA A 4 23.07 18.17 7.73
N THR A 5 22.91 19.37 7.17
CA THR A 5 22.35 20.46 7.92
C THR A 5 20.99 20.75 7.33
N LEU A 6 19.96 20.61 8.15
CA LEU A 6 18.59 20.78 7.74
C LEU A 6 18.34 22.21 7.36
N ALA A 7 17.19 22.41 6.71
CA ALA A 7 16.78 23.70 6.24
C ALA A 7 16.77 24.78 7.32
N ASN A 8 16.55 24.35 8.55
CA ASN A 8 16.46 25.27 9.67
C ASN A 8 17.80 25.49 10.34
N GLY A 9 18.85 24.89 9.81
CA GLY A 9 20.15 25.05 10.38
C GLY A 9 20.52 23.97 11.35
N ASP A 10 19.72 22.96 11.72
CA ASP A 10 20.23 21.96 12.65
C ASP A 10 21.14 20.99 11.91
N THR A 11 22.32 20.70 12.43
CA THR A 11 23.22 19.73 11.86
C THR A 11 23.09 18.40 12.60
N ILE A 12 22.80 17.37 11.81
CA ILE A 12 22.61 16.01 12.27
C ILE A 12 23.67 15.09 11.68
N THR A 13 23.94 14.02 12.41
CA THR A 13 24.89 12.99 12.08
C THR A 13 24.10 11.71 11.78
N GLY A 14 24.61 10.91 10.85
CA GLY A 14 23.98 9.66 10.43
C GLY A 14 25.01 8.56 10.49
N LEU A 15 24.80 7.53 9.70
CA LEU A 15 25.62 6.35 9.76
C LEU A 15 26.33 6.04 8.47
N ASN A 16 27.60 5.65 8.54
CA ASN A 16 28.32 5.20 7.35
C ASN A 16 28.22 3.67 7.31
N ALA A 17 27.43 3.13 6.39
CA ALA A 17 27.24 1.69 6.28
C ALA A 17 28.10 1.11 5.16
N ILE A 18 29.10 1.83 4.62
CA ILE A 18 30.04 1.45 3.56
C ILE A 18 29.32 1.39 2.23
N ILE A 19 28.24 0.64 2.06
CA ILE A 19 27.56 0.59 0.77
C ILE A 19 26.51 1.69 0.58
N ASN A 20 26.27 2.47 1.64
CA ASN A 20 25.39 3.64 1.61
C ASN A 20 25.59 4.39 2.91
N GLU A 21 24.91 5.51 3.07
CA GLU A 21 24.97 6.32 4.27
C GLU A 21 23.54 6.56 4.72
N ALA A 22 23.22 6.31 6.00
CA ALA A 22 21.85 6.34 6.48
C ALA A 22 21.55 7.38 7.56
N PHE A 23 20.45 8.12 7.44
CA PHE A 23 20.00 9.05 8.44
C PHE A 23 18.66 8.46 8.87
N LEU A 24 18.71 7.73 9.98
CA LEU A 24 17.61 6.92 10.44
C LEU A 24 16.92 7.40 11.68
N GLY A 25 15.61 7.55 11.59
CA GLY A 25 14.84 7.82 12.77
C GLY A 25 14.69 9.31 13.01
N ILE A 26 14.61 10.19 12.00
CA ILE A 26 14.52 11.63 12.26
C ILE A 26 13.06 11.96 12.57
N PRO A 27 12.67 12.56 13.70
CA PRO A 27 11.28 12.97 13.92
C PRO A 27 10.86 14.11 13.01
N PHE A 28 9.64 13.98 12.50
CA PHE A 28 9.11 14.98 11.59
C PHE A 28 7.78 15.51 12.11
N ALA A 29 7.18 14.94 13.16
CA ALA A 29 5.93 15.47 13.69
C ALA A 29 6.01 15.37 15.21
N GLU A 30 5.15 16.10 15.93
CA GLU A 30 5.05 15.98 17.39
C GLU A 30 4.47 14.61 17.71
N PRO A 31 4.89 13.89 18.78
CA PRO A 31 4.33 12.61 19.22
C PRO A 31 2.82 12.71 19.29
N PRO A 32 2.07 11.90 18.53
CA PRO A 32 0.61 11.96 18.46
C PRO A 32 0.01 11.21 19.65
N VAL A 33 0.37 11.66 20.85
CA VAL A 33 -0.06 11.00 22.06
C VAL A 33 -1.08 11.87 22.80
N GLY A 34 -1.85 11.19 23.67
CA GLY A 34 -2.82 11.80 24.55
C GLY A 34 -3.85 12.52 23.74
N ASN A 35 -4.07 13.83 23.87
CA ASN A 35 -5.13 14.46 23.07
C ASN A 35 -4.80 14.83 21.63
N LEU A 36 -3.58 14.47 21.20
CA LEU A 36 -3.23 14.50 19.81
C LEU A 36 -3.61 13.16 19.15
N ARG A 37 -4.07 12.15 19.90
CA ARG A 37 -4.52 10.88 19.35
C ARG A 37 -5.53 11.14 18.26
N PHE A 38 -5.44 10.39 17.15
CA PHE A 38 -6.35 10.38 16.01
C PHE A 38 -6.41 11.74 15.29
N LYS A 39 -5.67 12.77 15.70
CA LYS A 39 -5.76 14.06 15.04
C LYS A 39 -4.72 14.21 13.97
N ASP A 40 -4.85 15.25 13.14
CA ASP A 40 -3.84 15.54 12.14
C ASP A 40 -2.47 15.69 12.76
N PRO A 41 -1.36 15.27 12.14
CA PRO A 41 -0.01 15.41 12.67
C PRO A 41 0.43 16.87 12.69
N VAL A 42 1.25 17.19 13.69
CA VAL A 42 1.69 18.57 13.89
C VAL A 42 3.16 18.50 13.55
N PRO A 43 3.71 19.41 12.74
CA PRO A 43 5.14 19.59 12.50
C PRO A 43 6.04 19.51 13.73
N TYR A 44 7.17 18.82 13.65
CA TYR A 44 8.07 18.78 14.76
C TYR A 44 8.76 20.16 14.96
N SER A 45 8.49 20.74 16.11
CA SER A 45 9.10 21.98 16.59
C SER A 45 10.03 21.41 17.63
N GLY A 46 11.31 21.71 17.58
CA GLY A 46 12.27 21.12 18.50
C GLY A 46 13.58 21.12 17.77
N SER A 47 14.69 21.05 18.47
CA SER A 47 15.95 21.12 17.81
C SER A 47 16.45 19.68 17.70
N LEU A 48 17.03 19.42 16.52
CA LEU A 48 17.70 18.15 16.27
C LEU A 48 19.19 18.40 16.21
N ASP A 49 19.61 19.64 16.43
CA ASP A 49 21.00 19.99 16.27
C ASP A 49 21.89 19.22 17.24
N GLY A 50 22.93 18.60 16.71
CA GLY A 50 23.88 17.85 17.52
C GLY A 50 23.50 16.39 17.64
N GLN A 51 22.28 16.01 17.32
CA GLN A 51 21.85 14.62 17.42
C GLN A 51 22.32 13.65 16.35
N LYS A 52 22.39 12.36 16.73
CA LYS A 52 22.84 11.32 15.83
C LYS A 52 21.60 10.47 15.49
N PHE A 53 21.46 10.12 14.21
CA PHE A 53 20.32 9.39 13.72
C PHE A 53 20.89 8.18 13.03
N THR A 54 21.23 7.21 13.88
CA THR A 54 21.89 6.03 13.42
C THR A 54 21.05 4.76 13.45
N SER A 55 19.78 4.75 13.88
CA SER A 55 19.02 3.51 13.88
C SER A 55 17.54 3.77 13.70
N TYR A 56 16.81 2.81 13.16
CA TYR A 56 15.38 3.00 13.02
C TYR A 56 14.68 3.18 14.37
N GLY A 57 13.76 4.15 14.48
CA GLY A 57 12.92 4.26 15.66
C GLY A 57 11.90 3.11 15.70
N PRO A 58 11.09 3.01 16.76
CA PRO A 58 10.01 2.04 16.84
C PRO A 58 8.97 2.34 15.76
N SER A 59 8.32 1.29 15.26
CA SER A 59 7.21 1.43 14.36
C SER A 59 6.03 2.01 15.14
N CYS A 60 4.95 2.39 14.46
CA CYS A 60 3.73 2.78 15.17
C CYS A 60 3.06 1.52 15.74
N MET A 61 2.05 1.64 16.58
CA MET A 61 1.35 0.51 17.16
C MET A 61 0.70 -0.35 16.09
N GLN A 62 0.85 -1.66 16.31
CA GLN A 62 0.45 -2.70 15.37
C GLN A 62 -0.83 -3.37 15.82
N GLN A 63 -1.67 -3.77 14.86
CA GLN A 63 -2.83 -4.59 15.20
C GLN A 63 -2.48 -6.04 14.90
N ASN A 64 -2.81 -7.02 15.75
CA ASN A 64 -2.59 -8.42 15.44
C ASN A 64 -3.46 -8.86 14.23
N PRO A 65 -2.84 -9.38 13.14
CA PRO A 65 -3.52 -9.71 11.90
C PRO A 65 -4.55 -10.84 12.02
N GLU A 66 -4.36 -11.79 12.95
CA GLU A 66 -5.25 -12.93 13.18
C GLU A 66 -5.34 -14.01 12.11
N GLY A 67 -4.23 -14.39 11.51
CA GLY A 67 -4.25 -15.44 10.51
C GLY A 67 -4.06 -16.83 11.09
N THR A 68 -4.53 -17.78 10.30
CA THR A 68 -4.43 -19.23 10.52
C THR A 68 -3.57 -19.93 9.48
N TYR A 69 -3.18 -19.19 8.44
CA TYR A 69 -2.36 -19.66 7.32
C TYR A 69 -1.19 -20.56 7.60
N GLU A 70 -0.50 -20.37 8.69
CA GLU A 70 0.67 -21.18 8.99
C GLU A 70 0.34 -22.65 9.19
N GLU A 71 -0.94 -23.00 9.33
CA GLU A 71 -1.28 -24.40 9.44
C GLU A 71 -1.91 -24.93 8.15
N ASN A 72 -2.09 -24.11 7.11
CA ASN A 72 -2.75 -24.57 5.90
C ASN A 72 -1.87 -24.46 4.67
N LEU A 73 -0.71 -23.81 4.81
CA LEU A 73 0.20 -23.62 3.71
C LEU A 73 1.30 -24.65 3.72
N PRO A 74 1.63 -25.16 2.53
CA PRO A 74 2.79 -26.00 2.35
C PRO A 74 4.08 -25.24 2.59
N LYS A 75 5.04 -25.93 3.21
CA LYS A 75 6.36 -25.44 3.55
C LYS A 75 7.02 -24.53 2.52
N ALA A 76 6.93 -24.84 1.23
CA ALA A 76 7.48 -24.01 0.17
C ALA A 76 6.83 -22.62 0.06
N ALA A 77 5.49 -22.58 0.10
CA ALA A 77 4.72 -21.35 0.07
C ALA A 77 4.99 -20.54 1.34
N LEU A 78 4.95 -21.22 2.50
CA LEU A 78 5.13 -20.57 3.77
C LEU A 78 6.50 -19.96 3.87
N ASP A 79 7.57 -20.59 3.40
CA ASP A 79 8.91 -20.01 3.45
C ASP A 79 9.04 -18.68 2.74
N LEU A 80 8.32 -18.57 1.62
CA LEU A 80 8.33 -17.32 0.91
C LEU A 80 7.46 -16.27 1.59
N VAL A 81 6.28 -16.55 2.19
CA VAL A 81 5.54 -15.49 2.88
C VAL A 81 6.28 -14.96 4.10
N MET A 82 7.01 -15.84 4.81
CA MET A 82 7.83 -15.50 5.98
C MET A 82 8.90 -14.46 5.72
N GLN A 83 9.34 -14.50 4.48
CA GLN A 83 10.39 -13.64 4.00
C GLN A 83 9.94 -12.25 3.64
N SER A 84 8.78 -12.01 3.04
CA SER A 84 8.38 -10.64 2.70
C SER A 84 8.03 -9.79 3.90
N LYS A 85 7.51 -10.53 4.89
CA LYS A 85 7.12 -9.98 6.17
C LYS A 85 5.99 -8.94 6.11
N VAL A 86 5.31 -8.70 4.98
CA VAL A 86 4.19 -7.77 4.87
C VAL A 86 2.98 -8.14 5.75
N PHE A 87 2.79 -9.41 6.13
CA PHE A 87 1.65 -9.84 6.92
C PHE A 87 1.97 -10.00 8.41
N GLU A 88 3.02 -9.42 8.95
CA GLU A 88 3.39 -9.59 10.33
C GLU A 88 3.36 -8.26 11.07
N ALA A 89 3.19 -8.35 12.39
CA ALA A 89 3.23 -7.16 13.21
C ALA A 89 4.72 -6.87 13.46
N VAL A 90 5.18 -5.63 13.30
CA VAL A 90 6.57 -5.22 13.51
C VAL A 90 6.77 -4.95 15.01
N SER A 91 7.99 -5.11 15.51
CA SER A 91 8.31 -4.86 16.91
C SER A 91 9.69 -4.22 16.85
N PRO A 92 10.09 -3.25 17.69
CA PRO A 92 9.24 -2.54 18.63
C PRO A 92 8.26 -1.57 18.03
N SER A 93 7.24 -1.19 18.77
CA SER A 93 6.26 -0.27 18.28
C SER A 93 5.98 0.73 19.41
N SER A 94 5.40 1.89 19.11
CA SER A 94 5.12 2.93 20.08
C SER A 94 4.16 3.90 19.47
N GLU A 95 3.40 4.67 20.26
CA GLU A 95 2.59 5.69 19.63
C GLU A 95 3.45 6.87 19.15
N ASP A 96 4.64 6.97 19.77
CA ASP A 96 5.63 7.96 19.37
C ASP A 96 6.46 7.25 18.33
N CYS A 97 6.00 7.39 17.10
CA CYS A 97 6.58 6.64 16.02
C CYS A 97 6.77 7.45 14.77
N LEU A 98 6.40 8.73 14.73
CA LEU A 98 6.48 9.43 13.50
C LEU A 98 7.88 9.92 13.15
N THR A 99 8.71 9.02 12.61
CA THR A 99 10.03 9.38 12.14
C THR A 99 10.18 9.10 10.63
N ILE A 100 11.22 9.70 10.01
CA ILE A 100 11.46 9.59 8.58
C ILE A 100 12.90 9.10 8.39
N ASN A 101 13.28 8.42 7.30
CA ASN A 101 14.65 7.87 7.14
C ASN A 101 15.18 8.19 5.76
N VAL A 102 16.42 8.61 5.63
CA VAL A 102 17.00 9.01 4.35
C VAL A 102 18.20 8.13 4.11
N VAL A 103 18.29 7.39 3.00
CA VAL A 103 19.44 6.52 2.80
C VAL A 103 19.92 6.91 1.40
N ARG A 104 21.23 7.17 1.25
CA ARG A 104 21.79 7.70 0.02
C ARG A 104 23.05 6.96 -0.40
N PRO A 105 23.50 7.08 -1.66
CA PRO A 105 24.79 6.61 -2.13
C PRO A 105 25.94 7.09 -1.28
N PRO A 106 27.00 6.31 -1.04
CA PRO A 106 28.19 6.83 -0.37
C PRO A 106 28.80 8.01 -1.16
N GLY A 107 29.29 9.02 -0.42
CA GLY A 107 29.92 10.19 -1.00
C GLY A 107 28.93 11.22 -1.49
N THR A 108 27.61 10.99 -1.38
CA THR A 108 26.61 11.97 -1.78
C THR A 108 26.65 13.20 -0.85
N LYS A 109 26.42 14.38 -1.42
CA LYS A 109 26.37 15.58 -0.62
C LYS A 109 25.50 16.59 -1.31
N ALA A 110 25.10 17.59 -0.53
CA ALA A 110 24.31 18.71 -0.98
C ALA A 110 24.74 19.19 -2.37
N GLY A 111 23.76 19.30 -3.27
CA GLY A 111 24.07 19.74 -4.62
C GLY A 111 24.24 18.58 -5.60
N ALA A 112 24.19 17.33 -5.10
CA ALA A 112 24.21 16.19 -6.00
C ALA A 112 22.91 16.17 -6.79
N ASN A 113 21.77 16.61 -6.22
CA ASN A 113 20.49 16.74 -6.89
C ASN A 113 20.02 15.42 -7.52
N LEU A 114 20.01 14.32 -6.75
CA LEU A 114 19.58 13.02 -7.26
C LEU A 114 18.07 12.91 -7.20
N PRO A 115 17.42 12.14 -8.08
CA PRO A 115 16.05 11.67 -7.91
C PRO A 115 15.87 11.00 -6.54
N VAL A 116 14.65 11.09 -6.05
CA VAL A 116 14.30 10.58 -4.74
C VAL A 116 13.17 9.58 -4.94
N MET A 117 13.33 8.41 -4.33
CA MET A 117 12.28 7.42 -4.30
C MET A 117 11.77 7.38 -2.86
N LEU A 118 10.52 7.81 -2.70
CA LEU A 118 9.86 7.84 -1.41
C LEU A 118 8.95 6.61 -1.27
N TRP A 119 9.36 5.71 -0.35
CA TRP A 119 8.70 4.44 -0.07
C TRP A 119 7.66 4.56 1.01
N ILE A 120 6.50 4.02 0.66
CA ILE A 120 5.40 3.89 1.58
C ILE A 120 5.11 2.39 1.78
N PHE A 121 5.38 1.84 2.97
CA PHE A 121 5.10 0.43 3.33
C PHE A 121 3.59 0.12 3.49
N GLY A 122 3.13 -1.14 3.59
CA GLY A 122 1.74 -1.29 3.95
C GLY A 122 1.09 -2.64 4.12
N GLY A 123 1.06 -3.27 5.28
CA GLY A 123 0.32 -4.49 5.45
C GLY A 123 -1.10 -4.23 5.96
N GLY A 124 -2.11 -4.32 5.09
CA GLY A 124 -3.53 -4.16 5.39
C GLY A 124 -3.97 -2.91 6.11
N PHE A 125 -3.22 -1.80 6.01
CA PHE A 125 -3.48 -0.60 6.81
C PHE A 125 -3.51 -0.88 8.32
N GLU A 126 -2.94 -2.00 8.80
CA GLU A 126 -3.00 -2.41 10.21
C GLU A 126 -1.69 -2.81 10.81
N VAL A 127 -0.73 -3.22 9.94
CA VAL A 127 0.63 -3.56 10.37
C VAL A 127 1.63 -2.87 9.45
N GLY A 128 2.88 -2.84 9.89
CA GLY A 128 3.99 -2.35 9.11
C GLY A 128 4.85 -1.33 9.81
N GLY A 129 6.08 -1.30 9.33
CA GLY A 129 7.12 -0.37 9.75
C GLY A 129 8.07 -0.10 8.58
N THR A 130 8.93 0.92 8.63
CA THR A 130 9.92 1.18 7.61
C THR A 130 11.14 0.27 7.86
N SER A 131 11.35 -0.25 9.08
CA SER A 131 12.55 -1.06 9.32
C SER A 131 12.55 -2.39 8.59
N THR A 132 11.43 -2.91 8.06
CA THR A 132 11.43 -4.20 7.38
C THR A 132 11.64 -4.17 5.88
N PHE A 133 11.90 -3.00 5.31
CA PHE A 133 12.10 -2.86 3.89
C PHE A 133 13.49 -2.29 3.59
N PRO A 134 14.54 -3.11 3.54
CA PRO A 134 15.91 -2.70 3.28
C PRO A 134 16.12 -1.97 1.95
N PRO A 135 16.63 -0.72 2.01
CA PRO A 135 16.90 0.07 0.83
C PRO A 135 18.16 -0.32 0.04
N ALA A 136 19.07 -1.06 0.66
CA ALA A 136 20.35 -1.36 0.04
C ALA A 136 20.33 -2.01 -1.33
N GLN A 137 19.48 -2.99 -1.69
CA GLN A 137 19.45 -3.53 -3.04
C GLN A 137 19.05 -2.50 -4.10
N MET A 138 18.01 -1.71 -3.88
CA MET A 138 17.62 -0.63 -4.78
C MET A 138 18.77 0.38 -4.99
N ILE A 139 19.41 0.86 -3.93
CA ILE A 139 20.50 1.83 -4.01
C ILE A 139 21.73 1.24 -4.70
N THR A 140 22.22 0.05 -4.29
CA THR A 140 23.32 -0.58 -4.97
C THR A 140 23.01 -0.76 -6.46
N LYS A 141 21.80 -1.14 -6.84
CA LYS A 141 21.51 -1.27 -8.24
C LYS A 141 21.54 0.10 -8.90
N SER A 142 21.02 1.17 -8.28
CA SER A 142 21.01 2.49 -8.94
C SER A 142 22.42 2.96 -9.24
N ILE A 143 23.38 2.77 -8.33
CA ILE A 143 24.79 3.13 -8.50
C ILE A 143 25.39 2.36 -9.68
N ALA A 144 25.13 1.06 -9.70
CA ALA A 144 25.65 0.18 -10.74
C ALA A 144 25.10 0.62 -12.08
N MET A 145 23.86 1.12 -12.21
CA MET A 145 23.45 1.48 -13.55
C MET A 145 23.72 2.91 -13.91
N GLY A 146 24.48 3.58 -13.05
CA GLY A 146 24.77 4.98 -13.22
C GLY A 146 23.54 5.87 -13.08
N LYS A 147 22.52 5.45 -12.33
CA LYS A 147 21.37 6.30 -12.11
C LYS A 147 21.13 6.30 -10.60
N PRO A 148 22.03 6.84 -9.74
CA PRO A 148 21.87 6.82 -8.29
C PRO A 148 20.62 7.52 -7.77
N ILE A 149 19.97 6.97 -6.74
CA ILE A 149 18.78 7.56 -6.20
C ILE A 149 18.95 7.65 -4.69
N ILE A 150 18.15 8.52 -4.07
CA ILE A 150 18.05 8.54 -2.63
C ILE A 150 16.73 7.86 -2.27
N HIS A 151 16.82 7.05 -1.21
CA HIS A 151 15.70 6.31 -0.73
C HIS A 151 15.22 6.96 0.56
N VAL A 152 13.96 7.41 0.62
CA VAL A 152 13.36 8.01 1.81
C VAL A 152 12.20 7.11 2.25
N SER A 153 12.01 6.73 3.52
CA SER A 153 10.81 5.98 3.84
C SER A 153 10.19 6.67 5.07
N VAL A 154 8.87 6.71 5.18
CA VAL A 154 8.22 7.44 6.27
C VAL A 154 7.32 6.51 7.09
N ASN A 155 7.42 6.58 8.42
CA ASN A 155 6.47 5.84 9.27
C ASN A 155 5.13 6.56 9.25
N TYR A 156 4.02 5.86 9.41
CA TYR A 156 2.73 6.52 9.51
C TYR A 156 1.89 5.66 10.45
N ARG A 157 0.78 6.20 10.95
CA ARG A 157 -0.05 5.48 11.93
C ARG A 157 -0.95 4.50 11.21
N VAL A 158 -0.92 3.26 11.68
CA VAL A 158 -1.82 2.25 11.12
C VAL A 158 -2.95 1.92 12.10
N SER A 159 -3.94 1.14 11.64
CA SER A 159 -5.01 0.62 12.46
C SER A 159 -5.87 1.71 13.11
N SER A 160 -6.44 1.56 14.32
CA SER A 160 -7.33 2.55 14.97
C SER A 160 -6.64 3.88 15.15
N TRP A 161 -5.36 3.82 15.52
CA TRP A 161 -4.52 4.97 15.73
C TRP A 161 -4.41 5.85 14.50
N GLY A 162 -4.50 5.25 13.30
CA GLY A 162 -4.32 6.01 12.07
C GLY A 162 -5.52 6.12 11.17
N PHE A 163 -6.51 5.22 11.27
CA PHE A 163 -7.64 5.24 10.37
C PHE A 163 -8.98 5.02 11.08
N LEU A 164 -9.14 5.57 12.29
CA LEU A 164 -10.44 5.49 12.95
C LEU A 164 -11.44 6.39 12.21
N ALA A 165 -12.69 5.98 12.14
CA ALA A 165 -13.71 6.68 11.39
C ALA A 165 -14.99 6.88 12.21
N GLY A 166 -16.11 7.14 11.56
CA GLY A 166 -17.36 7.36 12.19
C GLY A 166 -17.63 8.86 12.29
N ASP A 167 -18.92 9.12 12.60
CA ASP A 167 -19.46 10.45 12.86
C ASP A 167 -18.64 11.40 13.74
N GLU A 168 -18.12 11.02 14.93
CA GLU A 168 -17.31 11.96 15.70
C GLU A 168 -15.98 12.38 15.05
N ILE A 169 -15.25 11.45 14.40
CA ILE A 169 -14.00 11.72 13.67
C ILE A 169 -14.30 12.72 12.57
N LYS A 170 -15.39 12.45 11.85
CA LYS A 170 -15.81 13.30 10.77
C LYS A 170 -16.05 14.73 11.26
N ALA A 171 -16.85 14.91 12.31
CA ALA A 171 -17.16 16.22 12.86
C ALA A 171 -15.90 16.99 13.26
N GLU A 172 -15.02 16.29 13.93
CA GLU A 172 -13.78 16.88 14.35
C GLU A 172 -12.85 17.18 13.15
N GLY A 173 -13.12 16.54 11.99
CA GLY A 173 -12.29 16.69 10.81
C GLY A 173 -10.98 15.94 10.99
N SER A 174 -10.98 14.84 11.73
CA SER A 174 -9.77 14.09 11.90
C SER A 174 -9.72 12.80 11.10
N ALA A 175 -10.41 12.67 9.97
CA ALA A 175 -10.33 11.42 9.21
C ALA A 175 -8.97 11.20 8.54
N ASN A 176 -8.54 9.93 8.51
CA ASN A 176 -7.43 9.45 7.70
C ASN A 176 -6.11 10.02 8.16
N ALA A 177 -5.95 10.06 9.49
CA ALA A 177 -4.70 10.52 10.09
C ALA A 177 -3.48 9.87 9.45
N GLY A 178 -3.46 8.56 9.20
CA GLY A 178 -2.32 7.85 8.59
C GLY A 178 -1.86 8.42 7.25
N LEU A 179 -2.78 8.83 6.37
CA LEU A 179 -2.44 9.40 5.08
C LEU A 179 -1.90 10.82 5.24
N LYS A 180 -2.36 11.53 6.27
CA LYS A 180 -1.90 12.87 6.59
C LYS A 180 -0.50 12.76 7.17
N ASP A 181 -0.14 11.69 7.89
CA ASP A 181 1.22 11.49 8.34
C ASP A 181 2.21 11.42 7.18
N GLN A 182 1.82 10.61 6.18
CA GLN A 182 2.60 10.44 4.97
C GLN A 182 2.79 11.75 4.21
N ARG A 183 1.68 12.48 3.97
CA ARG A 183 1.67 13.78 3.33
C ARG A 183 2.59 14.79 4.02
N LEU A 184 2.58 14.82 5.36
CA LEU A 184 3.47 15.71 6.07
C LEU A 184 4.91 15.24 5.88
N GLY A 185 5.18 13.93 5.84
CA GLY A 185 6.51 13.40 5.55
C GLY A 185 6.96 13.87 4.17
N MET A 186 6.04 14.00 3.21
CA MET A 186 6.35 14.44 1.87
C MET A 186 6.73 15.91 1.89
N GLN A 187 6.04 16.72 2.68
CA GLN A 187 6.39 18.12 2.80
C GLN A 187 7.77 18.30 3.40
N TRP A 188 8.11 17.44 4.35
CA TRP A 188 9.41 17.51 5.01
C TRP A 188 10.50 17.29 3.98
N VAL A 189 10.28 16.31 3.09
CA VAL A 189 11.20 16.00 2.00
C VAL A 189 11.32 17.23 1.08
N ALA A 190 10.21 17.84 0.67
CA ALA A 190 10.22 19.03 -0.16
C ALA A 190 11.13 20.10 0.42
N ASP A 191 10.97 20.33 1.73
CA ASP A 191 11.79 21.31 2.42
C ASP A 191 13.16 20.88 2.87
N ASN A 192 13.51 19.61 3.02
CA ASN A 192 14.84 19.29 3.50
C ASN A 192 15.66 18.34 2.65
N ILE A 193 15.20 17.74 1.55
CA ILE A 193 16.00 16.70 0.91
C ILE A 193 17.20 17.22 0.16
N ALA A 194 17.21 18.50 -0.28
CA ALA A 194 18.35 19.10 -0.96
C ALA A 194 19.60 19.14 -0.09
N ALA A 195 19.42 19.24 1.22
CA ALA A 195 20.53 19.21 2.16
C ALA A 195 21.22 17.84 2.22
N PHE A 196 20.55 16.77 1.76
CA PHE A 196 21.13 15.44 1.77
C PHE A 196 21.63 15.06 0.39
N GLY A 197 21.44 15.89 -0.63
CA GLY A 197 21.87 15.51 -1.96
C GLY A 197 20.71 15.22 -2.88
N GLY A 198 19.46 15.38 -2.45
CA GLY A 198 18.35 15.05 -3.32
C GLY A 198 17.80 16.28 -4.00
N ASP A 199 16.97 16.08 -5.02
CA ASP A 199 16.32 17.16 -5.69
C ASP A 199 14.84 17.05 -5.34
N PRO A 200 14.24 18.00 -4.62
CA PRO A 200 12.80 18.00 -4.37
C PRO A 200 11.92 17.98 -5.60
N THR A 201 12.35 18.40 -6.80
CA THR A 201 11.44 18.39 -7.93
C THR A 201 11.52 17.04 -8.64
N LYS A 202 12.32 16.08 -8.15
CA LYS A 202 12.44 14.76 -8.76
C LYS A 202 12.05 13.69 -7.75
N VAL A 203 10.86 13.81 -7.10
CA VAL A 203 10.41 12.79 -6.16
C VAL A 203 9.44 11.84 -6.86
N THR A 204 9.64 10.52 -6.75
CA THR A 204 8.72 9.48 -7.24
C THR A 204 8.25 8.79 -5.98
N ILE A 205 6.94 8.73 -5.73
CA ILE A 205 6.43 8.02 -4.55
C ILE A 205 6.14 6.57 -4.97
N PHE A 206 6.45 5.55 -4.19
CA PHE A 206 6.11 4.19 -4.60
C PHE A 206 5.77 3.39 -3.35
N GLY A 207 4.95 2.37 -3.48
CA GLY A 207 4.67 1.52 -2.34
C GLY A 207 4.06 0.25 -2.85
N GLU A 208 3.88 -0.68 -1.94
CA GLU A 208 3.32 -1.98 -2.26
C GLU A 208 2.19 -2.25 -1.27
N SER A 209 1.09 -2.86 -1.74
CA SER A 209 -0.07 -3.28 -0.97
C SER A 209 -0.77 -2.06 -0.38
N ALA A 210 -0.94 -1.82 0.94
CA ALA A 210 -1.65 -0.65 1.47
C ALA A 210 -0.84 0.58 1.12
N GLY A 211 0.49 0.47 1.01
CA GLY A 211 1.38 1.53 0.57
C GLY A 211 1.12 1.91 -0.88
N SER A 212 0.60 0.99 -1.69
CA SER A 212 0.30 1.26 -3.09
C SER A 212 -1.05 1.92 -3.19
N MET A 213 -1.97 1.44 -2.36
CA MET A 213 -3.29 2.08 -2.28
C MET A 213 -3.12 3.52 -1.77
N SER A 214 -2.10 3.74 -0.91
CA SER A 214 -1.74 5.06 -0.41
C SER A 214 -1.24 5.92 -1.55
N VAL A 215 -0.36 5.45 -2.44
CA VAL A 215 0.09 6.26 -3.59
C VAL A 215 -1.13 6.69 -4.41
N MET A 216 -2.09 5.79 -4.66
CA MET A 216 -3.34 6.18 -5.34
C MET A 216 -4.13 7.27 -4.58
N CYS A 217 -4.27 7.17 -3.24
CA CYS A 217 -4.90 8.22 -2.45
C CYS A 217 -4.17 9.56 -2.59
N HIS A 218 -2.84 9.52 -2.66
CA HIS A 218 -2.06 10.72 -2.82
C HIS A 218 -2.22 11.37 -4.18
N ILE A 219 -2.48 10.61 -5.24
CA ILE A 219 -2.80 11.15 -6.57
C ILE A 219 -4.17 11.85 -6.57
N LEU A 220 -5.12 11.30 -5.80
CA LEU A 220 -6.48 11.83 -5.68
C LEU A 220 -6.66 12.88 -4.59
N TRP A 221 -5.71 13.03 -3.64
CA TRP A 221 -5.79 13.96 -2.53
C TRP A 221 -6.02 15.39 -3.00
N ASN A 222 -6.93 16.08 -2.32
CA ASN A 222 -7.31 17.45 -2.58
C ASN A 222 -7.68 17.64 -4.04
N ASP A 223 -8.44 16.64 -4.51
CA ASP A 223 -8.87 16.51 -5.89
C ASP A 223 -7.77 16.60 -6.93
N GLY A 224 -6.62 16.06 -6.60
CA GLY A 224 -5.50 16.00 -7.49
C GLY A 224 -4.55 17.17 -7.42
N ASP A 225 -4.60 17.98 -6.38
CA ASP A 225 -3.68 19.09 -6.27
C ASP A 225 -2.56 18.62 -5.39
N ASN A 226 -1.43 18.23 -5.96
CA ASN A 226 -0.29 17.75 -5.19
C ASN A 226 0.79 18.82 -5.02
N THR A 227 0.46 20.12 -5.07
CA THR A 227 1.49 21.12 -4.95
C THR A 227 1.69 21.57 -3.53
N TYR A 228 2.91 21.88 -3.20
CA TYR A 228 3.28 22.41 -1.93
C TYR A 228 4.34 23.43 -2.33
N LYS A 229 4.12 24.67 -1.86
CA LYS A 229 4.92 25.86 -2.06
C LYS A 229 5.22 26.12 -3.54
N GLY A 230 4.12 26.12 -4.32
CA GLY A 230 4.13 26.37 -5.75
C GLY A 230 4.83 25.30 -6.59
N LYS A 231 5.09 24.11 -6.05
CA LYS A 231 5.78 23.05 -6.76
C LYS A 231 5.02 21.76 -6.51
N PRO A 232 5.11 20.71 -7.33
CA PRO A 232 4.54 19.42 -7.01
C PRO A 232 5.41 18.70 -5.99
N LEU A 233 4.70 18.04 -5.08
CA LEU A 233 5.33 17.23 -4.07
C LEU A 233 5.92 15.95 -4.66
N PHE A 234 5.48 15.51 -5.86
CA PHE A 234 6.03 14.32 -6.51
C PHE A 234 5.67 14.43 -7.99
N ARG A 235 6.57 13.91 -8.84
CA ARG A 235 6.47 13.96 -10.30
C ARG A 235 6.08 12.62 -10.95
N ALA A 236 6.02 11.50 -10.21
CA ALA A 236 5.70 10.22 -10.78
C ALA A 236 5.27 9.31 -9.63
N GLY A 237 4.63 8.19 -9.93
CA GLY A 237 4.19 7.27 -8.90
C GLY A 237 4.28 5.85 -9.39
N ILE A 238 4.67 4.94 -8.50
CA ILE A 238 4.79 3.53 -8.85
C ILE A 238 3.90 2.79 -7.83
N MET A 239 2.95 2.04 -8.37
CA MET A 239 2.04 1.28 -7.56
C MET A 239 2.18 -0.23 -7.70
N GLN A 240 2.85 -0.85 -6.74
CA GLN A 240 3.01 -2.28 -6.73
C GLN A 240 1.83 -2.96 -6.03
N SER A 241 0.76 -3.35 -6.73
CA SER A 241 -0.37 -4.08 -6.18
C SER A 241 -1.25 -3.26 -5.25
N GLY A 242 -2.19 -2.51 -5.82
CA GLY A 242 -3.09 -1.68 -5.07
C GLY A 242 -3.41 -0.40 -5.86
N ALA A 243 -4.70 -0.15 -6.05
CA ALA A 243 -5.17 1.00 -6.79
C ALA A 243 -6.17 1.69 -5.84
N MET A 244 -7.41 2.04 -6.24
CA MET A 244 -8.35 2.75 -5.41
C MET A 244 -8.86 1.87 -4.28
N VAL A 245 -9.24 2.50 -3.17
CA VAL A 245 -9.76 1.77 -2.02
C VAL A 245 -11.28 1.74 -2.26
N PRO A 246 -11.89 0.55 -2.18
CA PRO A 246 -13.32 0.36 -2.46
C PRO A 246 -14.08 0.64 -1.17
N SER A 247 -14.13 1.88 -0.69
CA SER A 247 -14.72 2.17 0.61
C SER A 247 -15.77 3.26 0.60
N ASP A 248 -16.71 3.00 1.50
CA ASP A 248 -17.75 3.95 1.85
C ASP A 248 -17.15 5.17 2.58
N ALA A 249 -17.88 6.30 2.58
CA ALA A 249 -17.45 7.49 3.30
C ALA A 249 -17.21 7.21 4.76
N VAL A 250 -16.38 8.07 5.37
CA VAL A 250 -15.92 7.92 6.75
C VAL A 250 -17.02 7.76 7.82
N ASP A 251 -18.16 8.35 7.55
CA ASP A 251 -19.26 8.26 8.49
C ASP A 251 -20.31 7.28 7.94
N GLY A 252 -19.93 6.21 7.22
CA GLY A 252 -20.90 5.26 6.70
C GLY A 252 -21.13 4.15 7.73
N ILE A 253 -21.78 3.04 7.32
CA ILE A 253 -22.18 2.01 8.30
C ILE A 253 -21.02 1.34 9.00
N TYR A 254 -19.98 0.90 8.28
CA TYR A 254 -18.96 0.15 8.97
C TYR A 254 -17.99 1.02 9.75
N GLY A 255 -17.75 2.26 9.29
CA GLY A 255 -16.85 3.15 10.01
C GLY A 255 -17.39 3.48 11.39
N ASN A 256 -18.69 3.72 11.38
CA ASN A 256 -19.40 3.94 12.63
C ASN A 256 -19.42 2.72 13.53
N GLU A 257 -19.68 1.57 12.91
CA GLU A 257 -19.78 0.34 13.63
C GLU A 257 -18.49 -0.04 14.31
N ILE A 258 -17.36 0.03 13.63
CA ILE A 258 -16.07 -0.27 14.25
C ILE A 258 -15.73 0.75 15.37
N PHE A 259 -16.05 2.03 15.19
CA PHE A 259 -15.87 3.04 16.23
C PHE A 259 -16.60 2.67 17.53
N ASP A 260 -17.88 2.31 17.42
CA ASP A 260 -18.68 1.96 18.58
C ASP A 260 -18.15 0.75 19.29
N LEU A 261 -17.74 -0.23 18.50
CA LEU A 261 -17.15 -1.44 19.05
C LEU A 261 -15.82 -1.17 19.76
N LEU A 262 -14.92 -0.41 19.16
CA LEU A 262 -13.68 -0.04 19.78
C LEU A 262 -13.94 0.77 21.06
N ALA A 263 -14.82 1.77 21.04
CA ALA A 263 -15.11 2.59 22.21
C ALA A 263 -15.65 1.72 23.33
N SER A 264 -16.54 0.74 23.10
CA SER A 264 -16.98 -0.17 24.13
C SER A 264 -15.85 -1.02 24.68
N ASN A 265 -14.97 -1.47 23.80
CA ASN A 265 -13.88 -2.33 24.22
C ASN A 265 -12.85 -1.57 25.02
N ALA A 266 -12.68 -0.26 24.79
CA ALA A 266 -11.74 0.54 25.56
C ALA A 266 -12.35 1.09 26.85
N GLY A 267 -13.65 0.91 27.09
CA GLY A 267 -14.27 1.30 28.34
C GLY A 267 -14.83 2.71 28.23
N CYS A 268 -15.30 3.04 27.03
CA CYS A 268 -15.86 4.35 26.73
C CYS A 268 -17.26 4.23 26.19
N GLY A 269 -17.87 3.08 26.43
CA GLY A 269 -19.20 2.81 25.91
C GLY A 269 -20.27 3.74 26.48
N SER A 270 -20.07 4.21 27.72
CA SER A 270 -21.03 5.15 28.25
C SER A 270 -20.61 6.62 28.21
N ALA A 271 -19.54 6.95 27.51
CA ALA A 271 -19.11 8.35 27.43
C ALA A 271 -20.04 9.11 26.53
N SER A 272 -20.26 10.38 26.81
CA SER A 272 -21.06 11.23 25.92
C SER A 272 -20.14 11.65 24.77
N ASP A 273 -18.86 11.84 25.04
CA ASP A 273 -17.91 12.24 24.03
C ASP A 273 -16.95 11.08 24.03
N LYS A 274 -17.08 10.19 23.06
CA LYS A 274 -16.20 9.04 23.00
C LYS A 274 -14.77 9.31 22.55
N LEU A 275 -14.50 10.34 21.74
CA LEU A 275 -13.14 10.66 21.35
C LEU A 275 -12.32 11.17 22.53
N ALA A 276 -12.94 12.00 23.39
CA ALA A 276 -12.29 12.54 24.58
C ALA A 276 -11.93 11.39 25.51
N CYS A 277 -12.89 10.48 25.65
CA CYS A 277 -12.68 9.27 26.41
C CYS A 277 -11.54 8.41 25.83
N LEU A 278 -11.50 8.17 24.52
CA LEU A 278 -10.47 7.35 23.91
C LEU A 278 -9.11 8.03 24.05
N ARG A 279 -8.98 9.37 24.02
CA ARG A 279 -7.69 10.06 24.25
C ARG A 279 -7.23 10.01 25.70
N GLY A 280 -8.16 9.63 26.60
CA GLY A 280 -7.89 9.45 28.01
C GLY A 280 -7.33 8.06 28.35
N VAL A 281 -7.74 6.97 27.67
CA VAL A 281 -7.33 5.63 28.09
C VAL A 281 -5.86 5.33 27.86
N SER A 282 -5.29 4.39 28.62
CA SER A 282 -3.88 4.11 28.46
C SER A 282 -3.56 3.41 27.14
N SER A 283 -2.27 3.43 26.81
CA SER A 283 -1.77 2.81 25.61
C SER A 283 -2.14 1.34 25.54
N ASP A 284 -2.04 0.63 26.66
CA ASP A 284 -2.41 -0.76 26.69
C ASP A 284 -3.87 -1.04 26.48
N THR A 285 -4.73 -0.24 27.09
CA THR A 285 -6.17 -0.33 26.95
C THR A 285 -6.52 -0.12 25.49
N LEU A 286 -5.95 0.92 24.85
CA LEU A 286 -6.22 1.20 23.46
C LEU A 286 -5.74 0.04 22.56
N GLU A 287 -4.54 -0.51 22.79
CA GLU A 287 -4.05 -1.61 21.99
C GLU A 287 -4.91 -2.87 22.17
N ASP A 288 -5.30 -3.19 23.39
CA ASP A 288 -6.15 -4.34 23.63
C ASP A 288 -7.51 -4.17 23.04
N ALA A 289 -8.10 -2.99 23.16
CA ALA A 289 -9.40 -2.72 22.59
C ALA A 289 -9.42 -2.87 21.06
N THR A 290 -8.29 -2.46 20.45
CA THR A 290 -8.10 -2.51 19.00
C THR A 290 -7.99 -3.95 18.55
N ASN A 291 -7.22 -4.73 19.30
CA ASN A 291 -7.09 -6.15 19.02
C ASN A 291 -8.34 -6.96 19.26
N ASN A 292 -9.44 -6.30 19.69
CA ASN A 292 -10.73 -6.95 19.81
C ASN A 292 -11.62 -6.48 18.68
N THR A 293 -11.08 -5.77 17.71
CA THR A 293 -11.83 -5.56 16.49
C THR A 293 -11.10 -6.47 15.49
N PRO A 294 -11.72 -6.97 14.43
CA PRO A 294 -11.07 -7.90 13.51
C PRO A 294 -9.85 -7.37 12.75
N GLY A 295 -8.84 -8.25 12.70
CA GLY A 295 -7.59 -8.06 11.99
C GLY A 295 -7.84 -8.56 10.56
N PHE A 296 -6.98 -8.13 9.61
CA PHE A 296 -7.24 -8.37 8.18
C PHE A 296 -7.13 -9.82 7.74
N LEU A 297 -6.42 -10.67 8.48
CA LEU A 297 -6.39 -12.08 8.11
C LEU A 297 -7.45 -12.92 8.83
N ALA A 298 -8.38 -12.26 9.52
CA ALA A 298 -9.52 -12.90 10.18
C ALA A 298 -10.55 -13.11 9.09
N TYR A 299 -11.64 -13.81 9.44
CA TYR A 299 -12.69 -14.19 8.50
C TYR A 299 -13.28 -13.03 7.72
N SER A 300 -13.30 -11.82 8.28
CA SER A 300 -13.83 -10.63 7.61
C SER A 300 -12.94 -10.26 6.44
N SER A 301 -11.66 -10.60 6.54
CA SER A 301 -10.68 -10.47 5.49
C SER A 301 -10.63 -9.04 4.93
N LEU A 302 -10.89 -8.77 3.67
CA LEU A 302 -10.75 -7.42 3.18
C LEU A 302 -11.95 -6.52 3.46
N ARG A 303 -12.90 -6.94 4.32
CA ARG A 303 -13.93 -6.00 4.83
C ARG A 303 -13.12 -5.45 6.01
N LEU A 304 -12.16 -4.59 5.68
CA LEU A 304 -11.18 -4.10 6.64
C LEU A 304 -11.75 -3.22 7.73
N SER A 305 -11.33 -3.41 9.00
CA SER A 305 -11.72 -2.55 10.11
C SER A 305 -11.19 -1.12 9.99
N TYR A 306 -9.98 -0.89 9.44
CA TYR A 306 -9.35 0.42 9.36
C TYR A 306 -8.80 0.56 7.95
N LEU A 307 -9.19 1.59 7.22
CA LEU A 307 -8.68 1.81 5.89
C LEU A 307 -9.06 3.23 5.44
N PRO A 308 -8.40 3.88 4.46
CA PRO A 308 -8.79 5.16 3.90
C PRO A 308 -10.26 5.23 3.52
N ARG A 309 -10.93 6.29 3.93
CA ARG A 309 -12.31 6.49 3.53
C ARG A 309 -12.45 7.90 3.01
N PRO A 310 -13.29 8.15 2.01
CA PRO A 310 -13.66 9.49 1.55
C PRO A 310 -14.22 10.29 2.70
N ASP A 311 -13.80 11.54 2.84
CA ASP A 311 -14.31 12.36 3.92
C ASP A 311 -14.97 13.65 3.44
N GLY A 312 -15.05 13.90 2.13
CA GLY A 312 -15.63 15.14 1.66
C GLY A 312 -14.68 16.32 1.80
N VAL A 313 -13.53 16.23 2.44
CA VAL A 313 -12.62 17.34 2.61
C VAL A 313 -11.39 17.19 1.71
N ASN A 314 -10.53 16.22 2.07
CA ASN A 314 -9.31 15.90 1.34
C ASN A 314 -9.42 14.75 0.34
N ILE A 315 -10.35 13.78 0.53
CA ILE A 315 -10.68 12.74 -0.46
C ILE A 315 -12.17 13.04 -0.57
N THR A 316 -12.56 13.80 -1.56
CA THR A 316 -13.89 14.38 -1.58
C THR A 316 -15.03 13.47 -1.95
N ASP A 317 -14.72 12.36 -2.62
CA ASP A 317 -15.76 11.47 -3.03
C ASP A 317 -15.14 10.09 -3.13
N ASP A 318 -16.07 9.18 -3.39
CA ASP A 318 -15.83 7.82 -3.79
C ASP A 318 -14.66 7.87 -4.81
N MET A 319 -13.58 7.16 -4.47
CA MET A 319 -12.36 7.11 -5.28
C MET A 319 -12.58 6.60 -6.71
N TYR A 320 -13.57 5.75 -7.04
CA TYR A 320 -13.80 5.39 -8.44
C TYR A 320 -14.41 6.57 -9.17
N ALA A 321 -15.34 7.27 -8.53
CA ALA A 321 -15.94 8.47 -9.12
C ALA A 321 -14.91 9.56 -9.35
N LEU A 322 -13.97 9.76 -8.42
CA LEU A 322 -12.93 10.77 -8.57
C LEU A 322 -12.09 10.46 -9.80
N VAL A 323 -11.68 9.18 -10.00
CA VAL A 323 -10.92 8.73 -11.19
C VAL A 323 -11.75 8.93 -12.46
N ARG A 324 -13.04 8.59 -12.54
CA ARG A 324 -13.69 8.84 -13.80
C ARG A 324 -14.06 10.30 -13.97
N GLU A 325 -14.04 11.12 -12.92
CA GLU A 325 -14.31 12.53 -13.08
C GLU A 325 -13.05 13.34 -13.38
N GLY A 326 -11.86 12.73 -13.43
CA GLY A 326 -10.63 13.45 -13.77
C GLY A 326 -10.03 14.23 -12.62
N LYS A 327 -10.38 14.01 -11.34
CA LYS A 327 -9.87 14.80 -10.23
C LYS A 327 -8.66 14.10 -9.67
N TYR A 328 -7.52 14.21 -10.36
CA TYR A 328 -6.30 13.57 -9.95
C TYR A 328 -5.06 14.33 -10.40
N ALA A 329 -3.89 14.06 -9.83
CA ALA A 329 -2.67 14.71 -10.22
C ALA A 329 -2.32 14.23 -11.63
N ASN A 330 -1.67 15.05 -12.46
CA ASN A 330 -1.29 14.62 -13.79
C ASN A 330 0.17 14.22 -13.79
N ILE A 331 0.42 12.94 -13.51
CA ILE A 331 1.77 12.43 -13.41
C ILE A 331 1.86 11.15 -14.25
N PRO A 332 3.06 10.75 -14.71
CA PRO A 332 3.34 9.41 -15.20
C PRO A 332 3.27 8.36 -14.11
N VAL A 333 2.70 7.19 -14.43
CA VAL A 333 2.55 6.15 -13.42
C VAL A 333 2.97 4.80 -13.96
N ILE A 334 3.53 3.95 -13.10
CA ILE A 334 3.71 2.53 -13.38
C ILE A 334 2.76 1.85 -12.38
N ILE A 335 1.84 0.97 -12.74
CA ILE A 335 1.02 0.26 -11.76
C ILE A 335 0.97 -1.21 -12.17
N GLY A 336 1.16 -2.19 -11.29
CA GLY A 336 1.14 -3.57 -11.71
C GLY A 336 0.63 -4.47 -10.62
N ASP A 337 0.63 -5.77 -10.87
CA ASP A 337 0.11 -6.80 -9.98
C ASP A 337 0.86 -8.10 -10.12
N GLN A 338 0.74 -8.92 -9.07
CA GLN A 338 1.23 -10.28 -9.05
C GLN A 338 0.02 -11.06 -9.59
N ASN A 339 0.22 -12.16 -10.33
CA ASN A 339 -0.88 -12.87 -10.95
C ASN A 339 -1.96 -13.40 -9.98
N ASP A 340 -1.57 -13.86 -8.78
CA ASP A 340 -2.52 -14.43 -7.83
C ASP A 340 -2.60 -13.61 -6.54
N GLU A 341 -3.12 -12.39 -6.65
CA GLU A 341 -3.23 -11.48 -5.53
C GLU A 341 -4.09 -12.01 -4.37
N GLY A 342 -5.23 -12.61 -4.63
CA GLY A 342 -6.10 -12.97 -3.56
C GLY A 342 -5.82 -14.31 -2.90
N THR A 343 -4.83 -15.14 -3.24
CA THR A 343 -4.72 -16.48 -2.64
C THR A 343 -4.39 -16.46 -1.16
N PHE A 344 -3.49 -15.57 -0.72
CA PHE A 344 -3.15 -15.44 0.68
C PHE A 344 -4.39 -15.03 1.49
N PHE A 345 -5.18 -14.10 0.99
CA PHE A 345 -6.41 -13.67 1.66
C PHE A 345 -7.48 -14.77 1.65
N GLY A 346 -7.42 -15.67 0.66
CA GLY A 346 -8.34 -16.77 0.53
C GLY A 346 -8.12 -17.73 1.70
N THR A 347 -6.98 -17.70 2.41
CA THR A 347 -6.81 -18.65 3.48
C THR A 347 -7.66 -18.32 4.71
N SER A 348 -8.33 -17.17 4.71
CA SER A 348 -9.19 -16.75 5.81
C SER A 348 -10.57 -17.37 5.83
N SER A 349 -11.06 -17.91 4.73
CA SER A 349 -12.41 -18.39 4.73
C SER A 349 -12.48 -19.85 4.33
N LEU A 350 -11.50 -20.63 4.76
CA LEU A 350 -11.40 -22.03 4.38
C LEU A 350 -12.48 -22.91 4.99
N ASN A 351 -13.41 -22.36 5.76
CA ASN A 351 -14.56 -23.12 6.26
C ASN A 351 -15.75 -22.90 5.34
N VAL A 352 -15.64 -22.14 4.26
CA VAL A 352 -16.69 -21.94 3.26
C VAL A 352 -16.45 -23.04 2.21
N THR A 353 -17.16 -24.17 2.13
CA THR A 353 -16.94 -25.19 1.12
C THR A 353 -18.05 -25.38 0.10
N THR A 354 -19.21 -24.80 0.26
CA THR A 354 -20.29 -24.98 -0.69
C THR A 354 -20.65 -23.67 -1.34
N ASP A 355 -21.42 -23.72 -2.40
CA ASP A 355 -21.84 -22.51 -3.06
C ASP A 355 -22.75 -21.63 -2.24
N ALA A 356 -23.69 -22.22 -1.47
CA ALA A 356 -24.56 -21.48 -0.57
C ALA A 356 -23.73 -20.77 0.50
N GLN A 357 -22.74 -21.47 1.08
CA GLN A 357 -21.83 -20.84 2.00
C GLN A 357 -21.07 -19.72 1.34
N ALA A 358 -20.64 -19.89 0.07
CA ALA A 358 -19.93 -18.85 -0.65
C ALA A 358 -20.85 -17.67 -0.89
N ARG A 359 -22.13 -17.91 -1.15
CA ARG A 359 -23.05 -16.83 -1.40
C ARG A 359 -23.27 -16.00 -0.15
N GLU A 360 -23.30 -16.65 1.01
CA GLU A 360 -23.46 -15.94 2.25
C GLU A 360 -22.20 -15.14 2.58
N TYR A 361 -21.01 -15.70 2.31
CA TYR A 361 -19.75 -14.99 2.53
C TYR A 361 -19.72 -13.74 1.67
N PHE A 362 -20.12 -13.77 0.39
CA PHE A 362 -20.12 -12.54 -0.41
C PHE A 362 -21.19 -11.58 0.05
N LYS A 363 -22.37 -12.07 0.41
CA LYS A 363 -23.43 -11.20 0.89
C LYS A 363 -23.09 -10.51 2.21
N GLN A 364 -22.34 -11.14 3.13
CA GLN A 364 -21.94 -10.45 4.33
C GLN A 364 -20.68 -9.62 4.11
N SER A 365 -19.79 -9.85 3.13
CA SER A 365 -18.65 -8.97 2.96
C SER A 365 -19.08 -7.74 2.15
N PHE A 366 -20.07 -7.86 1.26
CA PHE A 366 -20.48 -6.71 0.48
C PHE A 366 -21.93 -6.37 0.78
N VAL A 367 -22.15 -5.52 1.78
CA VAL A 367 -23.49 -5.21 2.22
C VAL A 367 -24.34 -4.40 1.27
N HIS A 368 -23.72 -3.75 0.27
CA HIS A 368 -24.53 -2.97 -0.66
C HIS A 368 -24.97 -3.76 -1.90
N ALA A 369 -24.47 -4.96 -2.10
CA ALA A 369 -24.78 -5.72 -3.29
C ALA A 369 -26.15 -6.37 -3.18
N SER A 370 -26.93 -6.22 -4.26
CA SER A 370 -28.24 -6.85 -4.33
C SER A 370 -28.03 -8.30 -4.68
N ASP A 371 -29.10 -9.10 -4.68
CA ASP A 371 -28.98 -10.50 -5.00
C ASP A 371 -28.62 -10.69 -6.44
N ALA A 372 -29.24 -9.88 -7.30
CA ALA A 372 -28.92 -9.88 -8.71
C ALA A 372 -27.43 -9.68 -8.92
N GLU A 373 -26.85 -8.74 -8.16
CA GLU A 373 -25.44 -8.44 -8.26
C GLU A 373 -24.56 -9.58 -7.80
N ILE A 374 -25.01 -10.24 -6.73
CA ILE A 374 -24.29 -11.38 -6.19
C ILE A 374 -24.43 -12.53 -7.17
N ASP A 375 -25.56 -12.65 -7.88
CA ASP A 375 -25.80 -13.71 -8.84
C ASP A 375 -24.85 -13.52 -10.02
N THR A 376 -24.78 -12.31 -10.57
CA THR A 376 -23.84 -12.01 -11.64
C THR A 376 -22.38 -12.23 -11.22
N LEU A 377 -22.02 -11.85 -10.01
CA LEU A 377 -20.68 -12.06 -9.53
C LEU A 377 -20.38 -13.54 -9.54
N MET A 378 -21.28 -14.40 -9.08
CA MET A 378 -20.94 -15.81 -9.01
C MET A 378 -21.01 -16.57 -10.31
N THR A 379 -21.61 -15.91 -11.30
CA THR A 379 -21.56 -16.40 -12.65
C THR A 379 -20.22 -16.03 -13.27
N ALA A 380 -19.77 -14.79 -13.10
CA ALA A 380 -18.48 -14.37 -13.62
C ALA A 380 -17.34 -15.18 -13.01
N TYR A 381 -17.39 -15.56 -11.72
CA TYR A 381 -16.33 -16.34 -11.09
C TYR A 381 -17.07 -17.58 -10.66
N PRO A 382 -17.12 -18.61 -11.51
CA PRO A 382 -17.84 -19.83 -11.20
C PRO A 382 -17.05 -20.69 -10.23
N GLY A 383 -17.76 -21.68 -9.69
CA GLY A 383 -17.17 -22.65 -8.76
C GLY A 383 -16.08 -23.49 -9.39
N ASP A 384 -16.22 -23.78 -10.69
CA ASP A 384 -15.29 -24.57 -11.48
C ASP A 384 -13.85 -24.33 -11.06
N ILE A 385 -13.26 -25.34 -10.44
CA ILE A 385 -11.95 -25.13 -9.85
C ILE A 385 -10.83 -24.83 -10.80
N THR A 386 -11.02 -25.01 -12.10
CA THR A 386 -9.95 -24.69 -13.03
C THR A 386 -9.86 -23.20 -13.35
N GLN A 387 -10.97 -22.50 -13.08
CA GLN A 387 -11.03 -21.10 -13.41
C GLN A 387 -10.66 -20.16 -12.30
N GLY A 388 -10.32 -20.66 -11.11
CA GLY A 388 -9.95 -19.77 -10.02
C GLY A 388 -8.44 -19.57 -9.92
N SER A 389 -8.05 -18.88 -8.84
CA SER A 389 -6.67 -18.57 -8.58
C SER A 389 -6.07 -19.54 -7.55
N PRO A 390 -4.83 -20.10 -7.62
CA PRO A 390 -3.79 -19.84 -8.65
C PRO A 390 -4.28 -20.05 -10.09
N PHE A 391 -4.16 -19.00 -10.89
CA PHE A 391 -4.75 -19.01 -12.21
C PHE A 391 -4.02 -20.01 -13.08
N ASP A 392 -4.77 -20.68 -13.93
CA ASP A 392 -4.28 -21.67 -14.88
C ASP A 392 -3.56 -22.85 -14.25
N THR A 393 -4.02 -23.31 -13.09
CA THR A 393 -3.33 -24.48 -12.55
C THR A 393 -4.25 -25.71 -12.61
N GLY A 394 -5.36 -25.59 -13.35
CA GLY A 394 -6.23 -26.72 -13.61
C GLY A 394 -6.97 -27.17 -12.38
N ILE A 395 -6.78 -28.41 -12.00
CA ILE A 395 -7.48 -28.99 -10.87
C ILE A 395 -6.59 -28.97 -9.65
N LEU A 396 -5.42 -28.40 -9.80
CA LEU A 396 -4.55 -28.33 -8.66
C LEU A 396 -4.95 -27.16 -7.74
N ASN A 397 -4.45 -27.18 -6.49
CA ASN A 397 -4.58 -26.09 -5.50
C ASN A 397 -5.95 -25.84 -4.90
N ALA A 398 -6.89 -26.73 -5.17
CA ALA A 398 -8.23 -26.56 -4.64
C ALA A 398 -8.33 -27.02 -3.19
N LEU A 399 -7.77 -26.26 -2.22
CA LEU A 399 -7.85 -26.54 -0.77
C LEU A 399 -9.27 -26.85 -0.32
N THR A 400 -10.25 -26.17 -0.91
CA THR A 400 -11.65 -26.43 -0.64
C THR A 400 -12.25 -26.30 -2.03
N PRO A 401 -13.50 -26.69 -2.24
CA PRO A 401 -14.21 -26.44 -3.49
C PRO A 401 -14.40 -24.98 -3.79
N GLN A 402 -14.21 -24.04 -2.84
CA GLN A 402 -14.44 -22.63 -3.14
C GLN A 402 -13.20 -21.78 -2.96
N PHE A 403 -12.10 -22.30 -2.38
CA PHE A 403 -10.87 -21.53 -2.19
C PHE A 403 -10.41 -20.73 -3.42
N LYS A 404 -10.37 -21.38 -4.59
CA LYS A 404 -9.92 -20.74 -5.81
C LYS A 404 -10.92 -19.71 -6.31
N ARG A 405 -12.27 -19.84 -6.21
CA ARG A 405 -13.08 -18.72 -6.65
C ARG A 405 -13.09 -17.56 -5.67
N ILE A 406 -12.98 -17.80 -4.35
CA ILE A 406 -12.97 -16.69 -3.40
C ILE A 406 -11.68 -15.89 -3.61
N SER A 407 -10.54 -16.59 -3.73
CA SER A 407 -9.26 -15.99 -4.08
C SER A 407 -9.27 -15.18 -5.37
N ALA A 408 -10.05 -15.57 -6.40
CA ALA A 408 -10.09 -14.85 -7.65
C ALA A 408 -10.86 -13.55 -7.44
N VAL A 409 -11.99 -13.59 -6.70
CA VAL A 409 -12.79 -12.39 -6.42
C VAL A 409 -11.99 -11.38 -5.59
N LEU A 410 -11.39 -11.79 -4.47
CA LEU A 410 -10.58 -10.91 -3.63
C LEU A 410 -9.41 -10.29 -4.36
N GLY A 411 -8.70 -11.08 -5.14
CA GLY A 411 -7.57 -10.53 -5.89
C GLY A 411 -7.98 -9.48 -6.90
N ASP A 412 -9.06 -9.75 -7.60
CA ASP A 412 -9.51 -8.86 -8.62
C ASP A 412 -10.10 -7.58 -8.11
N LEU A 413 -11.03 -7.64 -7.17
CA LEU A 413 -11.63 -6.42 -6.64
C LEU A 413 -10.65 -5.58 -5.87
N GLY A 414 -9.81 -6.24 -5.05
CA GLY A 414 -8.88 -5.54 -4.20
C GLY A 414 -7.75 -4.94 -5.01
N PHE A 415 -7.26 -5.66 -6.02
CA PHE A 415 -6.04 -5.24 -6.71
C PHE A 415 -5.98 -5.31 -8.24
N THR A 416 -6.20 -6.49 -8.82
CA THR A 416 -5.93 -6.68 -10.23
C THR A 416 -6.88 -6.09 -11.23
N LEU A 417 -8.21 -6.08 -11.05
CA LEU A 417 -9.08 -5.46 -12.04
C LEU A 417 -9.44 -4.04 -11.62
N ALA A 418 -9.19 -3.67 -10.35
CA ALA A 418 -9.22 -2.27 -9.92
C ALA A 418 -8.10 -1.50 -10.63
N ARG A 419 -6.90 -2.07 -10.86
CA ARG A 419 -5.85 -1.42 -11.66
C ARG A 419 -6.31 -1.14 -13.09
N ARG A 420 -6.99 -2.12 -13.72
CA ARG A 420 -7.49 -1.94 -15.07
C ARG A 420 -8.50 -0.79 -15.12
N TYR A 421 -9.45 -0.71 -14.19
CA TYR A 421 -10.40 0.40 -14.13
C TYR A 421 -9.71 1.78 -14.07
N PHE A 422 -8.68 1.92 -13.24
CA PHE A 422 -7.89 3.13 -13.17
C PHE A 422 -7.23 3.40 -14.54
N LEU A 423 -6.54 2.42 -15.14
CA LEU A 423 -5.85 2.61 -16.41
C LEU A 423 -6.78 2.96 -17.54
N ASN A 424 -7.99 2.45 -17.51
CA ASN A 424 -8.98 2.82 -18.51
C ASN A 424 -9.57 4.20 -18.35
N HIS A 425 -9.45 4.88 -17.20
CA HIS A 425 -10.03 6.19 -17.03
C HIS A 425 -8.94 7.21 -16.76
N TYR A 426 -7.69 6.85 -16.45
CA TYR A 426 -6.70 7.86 -16.10
C TYR A 426 -6.13 8.42 -17.36
N THR A 427 -6.19 9.72 -17.57
CA THR A 427 -5.49 10.31 -18.71
C THR A 427 -4.47 11.35 -18.21
N GLY A 428 -4.09 11.32 -16.92
CA GLY A 428 -3.17 12.29 -16.35
C GLY A 428 -1.72 12.22 -16.84
N GLY A 429 -1.28 11.10 -17.38
CA GLY A 429 0.08 10.95 -17.83
C GLY A 429 0.25 9.59 -18.45
N THR A 430 1.48 9.31 -18.91
CA THR A 430 1.83 8.06 -19.55
C THR A 430 1.60 6.95 -18.53
N LYS A 431 1.04 5.84 -18.99
CA LYS A 431 0.72 4.74 -18.11
C LYS A 431 1.57 3.54 -18.51
N TYR A 432 2.19 2.79 -17.59
CA TYR A 432 2.94 1.58 -17.87
C TYR A 432 2.38 0.56 -16.88
N SER A 433 2.03 -0.70 -17.27
CA SER A 433 1.51 -1.68 -16.32
C SER A 433 2.29 -2.98 -16.51
N PHE A 434 2.46 -3.75 -15.44
CA PHE A 434 3.12 -5.04 -15.51
C PHE A 434 2.24 -6.11 -14.83
N LEU A 435 2.48 -7.38 -15.10
CA LEU A 435 1.83 -8.47 -14.37
C LEU A 435 2.84 -9.58 -14.20
N SER A 436 3.10 -9.99 -12.97
CA SER A 436 4.11 -10.99 -12.73
C SER A 436 3.48 -12.35 -12.62
N LYS A 437 4.17 -13.30 -13.29
CA LYS A 437 3.86 -14.71 -13.22
C LYS A 437 5.15 -15.42 -12.85
N GLN A 438 6.04 -14.75 -12.11
CA GLN A 438 7.34 -15.26 -11.80
C GLN A 438 7.38 -16.55 -11.02
N LEU A 439 6.35 -16.75 -10.21
CA LEU A 439 6.34 -17.85 -9.26
C LEU A 439 5.39 -18.96 -9.62
N SER A 440 4.99 -19.05 -10.89
CA SER A 440 4.13 -20.10 -11.40
C SER A 440 4.56 -21.49 -10.97
N GLY A 441 3.52 -22.17 -10.47
CA GLY A 441 3.70 -23.51 -10.02
C GLY A 441 3.92 -23.57 -8.54
N LEU A 442 4.16 -22.47 -7.80
CA LEU A 442 4.30 -22.49 -6.34
C LEU A 442 3.00 -23.01 -5.72
N PRO A 443 2.96 -24.11 -4.96
CA PRO A 443 1.71 -24.71 -4.53
C PRO A 443 0.83 -23.81 -3.62
N VAL A 444 -0.49 -23.93 -3.80
CA VAL A 444 -1.57 -23.19 -3.15
C VAL A 444 -1.57 -21.69 -3.46
N LEU A 445 -0.45 -20.97 -3.36
CA LEU A 445 -0.46 -19.52 -3.55
C LEU A 445 -0.14 -18.98 -4.93
N GLY A 446 0.65 -19.68 -5.75
CA GLY A 446 0.99 -19.20 -7.09
C GLY A 446 1.84 -17.96 -6.97
N THR A 447 1.72 -16.97 -7.85
CA THR A 447 2.55 -15.78 -7.74
C THR A 447 1.72 -14.86 -6.86
N PHE A 448 1.97 -14.97 -5.57
CA PHE A 448 1.16 -14.37 -4.53
C PHE A 448 1.47 -12.92 -4.17
N HIS A 449 0.51 -12.29 -3.50
CA HIS A 449 0.60 -10.91 -3.06
C HIS A 449 1.78 -10.72 -2.10
N SER A 450 2.71 -9.81 -2.42
CA SER A 450 3.92 -9.39 -1.69
C SER A 450 5.22 -10.12 -2.01
N ASN A 451 5.22 -11.14 -2.88
CA ASN A 451 6.47 -11.82 -3.24
C ASN A 451 7.49 -10.86 -3.90
N ASP A 452 7.03 -9.84 -4.63
CA ASP A 452 7.87 -8.79 -5.17
C ASP A 452 8.76 -8.12 -4.16
N ILE A 453 8.41 -8.09 -2.86
CA ILE A 453 9.25 -7.50 -1.82
C ILE A 453 10.58 -8.26 -1.67
N VAL A 454 10.54 -9.60 -1.82
CA VAL A 454 11.75 -10.41 -1.69
C VAL A 454 12.75 -10.11 -2.82
N PHE A 455 12.24 -9.99 -4.05
CA PHE A 455 13.05 -9.73 -5.25
C PHE A 455 13.38 -8.26 -5.46
N GLN A 456 12.76 -7.40 -4.64
CA GLN A 456 13.05 -5.98 -4.67
C GLN A 456 14.05 -5.69 -3.58
N ASP A 457 14.08 -6.40 -2.46
CA ASP A 457 14.90 -5.96 -1.36
C ASP A 457 15.87 -6.96 -0.81
N TYR A 458 15.77 -8.22 -1.20
CA TYR A 458 16.62 -9.28 -0.64
C TYR A 458 17.32 -10.18 -1.66
N LEU A 459 16.63 -10.55 -2.74
CA LEU A 459 17.13 -11.55 -3.65
C LEU A 459 16.96 -11.05 -5.07
N LEU A 460 17.79 -11.61 -5.95
CA LEU A 460 17.70 -11.30 -7.38
C LEU A 460 16.96 -12.38 -8.16
N GLY A 461 16.02 -12.05 -9.02
CA GLY A 461 15.33 -13.03 -9.84
C GLY A 461 14.88 -12.29 -11.08
N SER A 462 14.21 -12.87 -12.07
CA SER A 462 13.71 -12.18 -13.24
C SER A 462 12.94 -10.93 -12.83
N GLY A 463 12.19 -10.97 -11.73
CA GLY A 463 11.40 -9.83 -11.28
C GLY A 463 12.24 -8.63 -10.85
N SER A 464 13.44 -8.81 -10.30
CA SER A 464 14.28 -7.68 -9.94
C SER A 464 14.56 -6.74 -11.13
N LEU A 465 14.45 -7.18 -12.39
CA LEU A 465 14.68 -6.32 -13.54
C LEU A 465 13.67 -5.21 -13.61
N ILE A 466 12.43 -5.54 -13.21
CA ILE A 466 11.38 -4.56 -13.15
C ILE A 466 11.43 -3.88 -11.78
N TYR A 467 11.53 -4.63 -10.66
CA TYR A 467 11.34 -4.02 -9.34
C TYR A 467 12.48 -3.12 -8.93
N ASN A 468 13.66 -3.32 -9.52
CA ASN A 468 14.80 -2.46 -9.24
C ASN A 468 15.14 -1.66 -10.46
N ASN A 469 15.72 -2.26 -11.50
CA ASN A 469 16.19 -1.56 -12.70
C ASN A 469 15.12 -0.77 -13.40
N ALA A 470 13.96 -1.27 -13.79
CA ALA A 470 13.00 -0.41 -14.48
C ALA A 470 12.47 0.74 -13.62
N PHE A 471 12.32 0.50 -12.31
CA PHE A 471 11.78 1.49 -11.38
C PHE A 471 12.81 2.60 -11.13
N ILE A 472 14.12 2.30 -11.06
CA ILE A 472 15.16 3.32 -10.96
C ILE A 472 15.19 4.14 -12.26
N ALA A 473 15.04 3.51 -13.43
CA ALA A 473 14.99 4.17 -14.75
C ALA A 473 13.79 5.09 -14.87
N PHE A 474 12.64 4.62 -14.40
CA PHE A 474 11.46 5.46 -14.34
C PHE A 474 11.68 6.60 -13.35
N ALA A 475 12.20 6.39 -12.13
CA ALA A 475 12.41 7.49 -11.17
C ALA A 475 13.35 8.58 -11.69
N THR A 476 14.42 8.16 -12.37
CA THR A 476 15.41 9.05 -12.97
C THR A 476 14.93 9.79 -14.21
N ASP A 477 14.41 8.99 -15.17
CA ASP A 477 14.08 9.45 -16.51
C ASP A 477 12.63 9.56 -16.91
N LEU A 478 11.73 9.02 -16.10
CA LEU A 478 10.29 8.96 -16.34
C LEU A 478 9.89 8.07 -17.53
N ASP A 479 10.76 7.08 -17.77
CA ASP A 479 10.51 6.07 -18.79
C ASP A 479 11.27 4.85 -18.36
N PRO A 480 10.61 3.69 -18.15
CA PRO A 480 11.26 2.48 -17.70
C PRO A 480 12.32 2.00 -18.69
N ASN A 481 12.04 2.33 -19.95
CA ASN A 481 12.84 1.85 -21.08
C ASN A 481 14.26 2.36 -21.08
N THR A 482 14.69 3.32 -20.26
CA THR A 482 16.08 3.72 -20.21
C THR A 482 16.88 2.73 -19.40
N ALA A 483 16.27 1.74 -18.76
CA ALA A 483 17.03 0.75 -18.02
C ALA A 483 17.84 -0.15 -18.95
N GLY A 484 17.41 -0.23 -20.21
CA GLY A 484 18.06 -1.04 -21.23
C GLY A 484 17.78 -2.52 -21.03
N LEU A 485 16.50 -2.85 -20.95
CA LEU A 485 16.19 -4.24 -20.72
C LEU A 485 16.09 -4.86 -22.11
N LEU A 486 16.17 -6.22 -22.13
CA LEU A 486 15.94 -6.96 -23.37
C LEU A 486 14.57 -6.66 -23.98
N VAL A 487 13.50 -6.58 -23.16
CA VAL A 487 12.18 -6.32 -23.72
C VAL A 487 11.81 -4.85 -23.53
N LYS A 488 11.24 -4.24 -24.58
CA LYS A 488 10.80 -2.86 -24.56
C LYS A 488 9.43 -2.82 -23.87
N TRP A 489 9.22 -1.94 -22.91
CA TRP A 489 7.93 -1.85 -22.25
C TRP A 489 6.95 -0.95 -23.00
N PRO A 490 5.85 -1.54 -23.49
CA PRO A 490 4.75 -0.83 -24.08
C PRO A 490 3.97 0.14 -23.21
N GLU A 491 3.68 1.30 -23.79
CA GLU A 491 2.85 2.25 -23.11
C GLU A 491 1.43 1.66 -23.10
N TYR A 492 0.68 1.84 -22.01
CA TYR A 492 -0.68 1.33 -21.88
C TYR A 492 -1.61 2.46 -22.21
N THR A 493 -2.56 2.24 -23.12
CA THR A 493 -3.57 3.24 -23.38
C THR A 493 -4.92 2.76 -22.85
N SER A 494 -5.31 1.48 -23.03
CA SER A 494 -6.59 0.95 -22.56
C SER A 494 -6.55 -0.56 -22.74
N SER A 495 -7.47 -1.27 -22.08
CA SER A 495 -7.53 -2.73 -22.10
C SER A 495 -8.04 -3.24 -23.45
N SER A 496 -8.74 -2.36 -24.15
CA SER A 496 -9.27 -2.71 -25.46
C SER A 496 -8.32 -2.37 -26.61
N GLN A 497 -7.11 -1.88 -26.33
CA GLN A 497 -6.22 -1.55 -27.42
C GLN A 497 -5.75 -2.86 -28.08
N SER A 498 -5.41 -2.70 -29.35
CA SER A 498 -4.87 -3.83 -30.10
C SER A 498 -3.39 -3.88 -29.73
N GLY A 499 -2.87 -5.07 -29.48
CA GLY A 499 -1.46 -5.16 -29.15
C GLY A 499 -1.23 -5.24 -27.65
N ASN A 500 -0.05 -5.76 -27.42
CA ASN A 500 0.41 -6.04 -26.09
C ASN A 500 0.63 -4.77 -25.32
N ASN A 501 0.09 -4.69 -24.10
CA ASN A 501 0.19 -3.48 -23.31
C ASN A 501 0.67 -3.75 -21.91
N LEU A 502 1.14 -4.97 -21.65
CA LEU A 502 1.58 -5.34 -20.34
C LEU A 502 2.98 -5.89 -20.37
N MET A 503 3.87 -5.40 -19.53
CA MET A 503 5.15 -6.05 -19.34
C MET A 503 4.84 -7.28 -18.49
N MET A 504 5.44 -8.43 -18.75
CA MET A 504 5.19 -9.64 -18.00
C MET A 504 6.50 -10.30 -17.59
N ILE A 505 6.44 -11.02 -16.47
CA ILE A 505 7.60 -11.63 -15.85
C ILE A 505 7.30 -13.10 -15.71
N ASN A 506 8.20 -13.96 -16.13
CA ASN A 506 8.05 -15.37 -15.81
C ASN A 506 9.35 -15.77 -15.15
N ALA A 507 9.46 -17.05 -14.83
CA ALA A 507 10.62 -17.59 -14.15
C ALA A 507 11.97 -17.31 -14.81
N LEU A 508 11.94 -17.25 -16.14
CA LEU A 508 13.15 -17.06 -16.91
C LEU A 508 13.36 -15.62 -17.30
N GLY A 509 12.37 -14.80 -17.65
CA GLY A 509 12.60 -13.42 -18.06
C GLY A 509 11.32 -12.62 -18.23
N LEU A 510 11.43 -11.64 -19.12
CA LEU A 510 10.41 -10.65 -19.38
C LEU A 510 9.78 -10.95 -20.73
N TYR A 511 8.56 -10.53 -21.00
CA TYR A 511 7.90 -10.70 -22.27
C TYR A 511 6.68 -9.80 -22.25
N THR A 512 5.81 -9.68 -23.24
CA THR A 512 4.70 -8.78 -23.14
C THR A 512 3.40 -9.54 -23.37
N GLY A 513 2.27 -8.90 -23.10
CA GLY A 513 0.99 -9.57 -23.13
C GLY A 513 -0.10 -8.53 -23.06
N LYS A 514 -1.33 -8.96 -22.87
CA LYS A 514 -2.46 -8.08 -22.95
C LYS A 514 -3.31 -8.19 -21.71
N ASP A 515 -3.93 -7.07 -21.36
CA ASP A 515 -4.75 -6.96 -20.18
C ASP A 515 -6.20 -7.20 -20.58
N ASN A 516 -6.49 -8.40 -21.03
CA ASN A 516 -7.82 -8.69 -21.54
C ASN A 516 -8.46 -9.90 -20.91
N PHE A 517 -7.80 -10.47 -19.90
CA PHE A 517 -8.33 -11.59 -19.14
C PHE A 517 -9.46 -11.18 -18.20
N ARG A 518 -10.36 -12.11 -17.91
CA ARG A 518 -11.49 -11.94 -16.99
C ARG A 518 -12.35 -10.70 -17.12
N THR A 519 -12.64 -10.31 -18.34
CA THR A 519 -13.54 -9.21 -18.63
C THR A 519 -14.94 -9.36 -18.05
N ALA A 520 -15.38 -10.61 -17.84
CA ALA A 520 -16.68 -10.84 -17.22
C ALA A 520 -16.60 -10.45 -15.74
N GLY A 521 -15.48 -10.74 -15.08
CA GLY A 521 -15.33 -10.34 -13.70
C GLY A 521 -15.33 -8.82 -13.63
N TYR A 522 -14.57 -8.16 -14.51
CA TYR A 522 -14.48 -6.71 -14.55
C TYR A 522 -15.86 -6.12 -14.72
N ASP A 523 -16.75 -6.65 -15.55
CA ASP A 523 -18.07 -6.07 -15.64
C ASP A 523 -18.94 -6.39 -14.47
N ALA A 524 -18.89 -7.59 -13.87
CA ALA A 524 -19.70 -7.89 -12.66
C ALA A 524 -19.35 -6.92 -11.51
N LEU A 525 -18.03 -6.72 -11.34
CA LEU A 525 -17.48 -5.90 -10.29
C LEU A 525 -17.64 -4.40 -10.53
N PHE A 526 -17.25 -3.88 -11.70
CA PHE A 526 -17.21 -2.45 -11.85
C PHE A 526 -18.29 -1.82 -12.66
N SER A 527 -19.42 -2.46 -13.02
CA SER A 527 -20.52 -1.74 -13.65
C SER A 527 -21.10 -0.75 -12.64
N ASN A 528 -21.25 -1.19 -11.40
CA ASN A 528 -21.60 -0.26 -10.37
C ASN A 528 -20.65 -0.45 -9.19
N PRO A 529 -19.50 0.26 -9.20
CA PRO A 529 -18.47 0.05 -8.18
C PRO A 529 -18.92 0.19 -6.69
N PRO A 530 -19.81 1.15 -6.27
CA PRO A 530 -20.43 1.22 -4.94
C PRO A 530 -21.07 -0.04 -4.36
N SER A 531 -21.59 -0.88 -5.22
CA SER A 531 -22.22 -2.11 -4.80
C SER A 531 -21.21 -3.03 -4.12
N PHE A 532 -19.90 -2.86 -4.37
CA PHE A 532 -18.93 -3.73 -3.74
C PHE A 532 -17.97 -2.99 -2.83
N PHE A 533 -18.42 -1.85 -2.27
CA PHE A 533 -17.63 -1.14 -1.27
C PHE A 533 -17.78 -1.75 0.14
N VAL A 534 -16.77 -1.55 0.99
CA VAL A 534 -16.78 -1.93 2.40
C VAL A 534 -16.78 -0.71 3.34
C1 NAG B . -16.52 -19.66 9.33
C2 NAG B . -18.04 -19.56 9.46
C3 NAG B . -18.46 -18.19 9.99
C4 NAG B . -17.77 -17.90 11.32
C5 NAG B . -16.27 -17.98 11.08
C6 NAG B . -15.56 -17.72 12.37
C7 NAG B . -19.05 -21.06 7.84
C8 NAG B . -19.74 -21.24 6.51
N2 NAG B . -18.73 -19.84 8.20
O3 NAG B . -19.85 -18.10 10.10
O4 NAG B . -18.20 -16.67 11.87
O5 NAG B . -15.89 -19.29 10.58
O6 NAG B . -14.18 -18.00 12.22
O7 NAG B . -18.76 -22.05 8.54
C1 NAG C . -7.72 19.00 3.58
C2 NAG C . -6.33 19.63 3.68
C3 NAG C . -6.45 21.00 4.34
C4 NAG C . -7.35 21.90 3.47
C5 NAG C . -8.74 21.24 3.30
C6 NAG C . -9.48 21.98 2.20
C7 NAG C . -4.30 18.27 4.01
C8 NAG C . -3.52 17.41 4.99
N2 NAG C . -5.43 18.80 4.47
O3 NAG C . -5.18 21.57 4.51
O4 NAG C . -7.47 23.20 4.07
O5 NAG C . -8.63 19.85 2.87
O6 NAG C . -10.75 21.39 2.09
O7 NAG C . -3.94 18.44 2.85
#